data_2ZID
#
_entry.id   2ZID
#
_cell.length_a   72.490
_cell.length_b   82.530
_cell.length_c   104.300
_cell.angle_alpha   90.00
_cell.angle_beta   90.00
_cell.angle_gamma   90.00
#
_symmetry.space_group_name_H-M   'P 21 21 21'
#
loop_
_entity.id
_entity.type
_entity.pdbx_description
1 polymer 'Dextran glucosidase'
2 branched alpha-D-glucopyranose-(1-6)-alpha-D-glucopyranose-(1-6)-alpha-D-glucopyranose
3 non-polymer 'CALCIUM ION'
4 water water
#
_entity_poly.entity_id   1
_entity_poly.type   'polypeptide(L)'
_entity_poly.pdbx_seq_one_letter_code
;MQKHWWHKATVYQIYPKSFMDTNGDGIGDLKGITSKLDYLQKLGVMAIWLSPVYDSPMDDNGYDIANYEAIADIFGNMAD
MDNLLTQAKMRGIKIIMDLVVNHTSDEHAWFIEAREHPDSSERDYYIWCDQPNDLESIFGGSAWQYDDKSDQYYLHFFSK
KQPDLNWENANLRQKIYDMMNFWIDKGIGGFRMDVIDMIGKIPAQHIVSNGPKLHAYLKEMNAASFGQHDLLTVGQTWGA
TPEIAKQYSNPVNHELSMVFQFEHIGLQHKPEAPKWDYVKELNVPALKTIFNKWQTELELGQGWNSLFWNNHDLPRVLSI
WGNTGKYREKSAKALAILLHLMRGTPYIYQGEEIGMTNYPFKDLNELDDIESLNYAKEAFTNGKSMETIMDSIRMIGRDN
ARTPMQWDASQNAGFSTADKTWLPVNPNYKDINVQAALKNSNSIFYTYQQLIQLRKENDWLVDADFELLPTADKVFAYLR
KVREERYLIVVNVSDQEEVLEIDVDKQETLISNTNESAALANHKLQPWDAFCIKILEHHHHHH
;
_entity_poly.pdbx_strand_id   A
#
# COMPACT_ATOMS: atom_id res chain seq x y z
N MET A 1 -14.71 21.96 5.71
CA MET A 1 -13.60 21.09 6.15
C MET A 1 -12.26 21.81 6.05
N GLN A 2 -11.48 21.75 7.11
CA GLN A 2 -10.16 22.37 7.13
C GLN A 2 -9.28 21.60 6.14
N LYS A 3 -8.71 22.31 5.18
CA LYS A 3 -7.87 21.67 4.17
C LYS A 3 -6.41 21.70 4.60
N HIS A 4 -5.71 20.60 4.34
CA HIS A 4 -4.29 20.48 4.66
C HIS A 4 -3.54 20.22 3.36
N TRP A 5 -2.23 20.37 3.38
CA TRP A 5 -1.41 20.15 2.20
C TRP A 5 -1.70 18.79 1.55
N TRP A 6 -1.88 17.75 2.37
CA TRP A 6 -2.11 16.42 1.83
C TRP A 6 -3.48 16.21 1.17
N HIS A 7 -4.40 17.15 1.31
CA HIS A 7 -5.71 16.98 0.68
C HIS A 7 -5.63 17.05 -0.85
N LYS A 8 -4.55 17.60 -1.38
CA LYS A 8 -4.38 17.68 -2.84
C LYS A 8 -3.20 16.81 -3.25
N ALA A 9 -2.70 16.02 -2.30
CA ALA A 9 -1.54 15.18 -2.55
C ALA A 9 -1.83 13.78 -3.07
N THR A 10 -0.88 13.26 -3.82
CA THR A 10 -0.92 11.90 -4.32
C THR A 10 0.36 11.31 -3.75
N VAL A 11 0.26 10.16 -3.10
CA VAL A 11 1.43 9.52 -2.51
C VAL A 11 2.00 8.40 -3.38
N TYR A 12 3.32 8.30 -3.40
CA TYR A 12 4.03 7.29 -4.17
C TYR A 12 4.72 6.35 -3.17
N GLN A 13 4.45 5.04 -3.26
CA GLN A 13 5.09 4.10 -2.36
C GLN A 13 6.34 3.52 -2.96
N ILE A 14 7.44 3.59 -2.22
CA ILE A 14 8.70 3.04 -2.67
C ILE A 14 9.07 1.85 -1.80
N TYR A 15 9.44 0.74 -2.45
CA TYR A 15 9.88 -0.45 -1.73
C TYR A 15 11.39 -0.35 -1.91
N PRO A 16 12.09 0.20 -0.91
CA PRO A 16 13.54 0.41 -0.92
C PRO A 16 14.44 -0.64 -1.59
N LYS A 17 14.25 -1.92 -1.27
CA LYS A 17 15.09 -2.97 -1.85
C LYS A 17 14.92 -3.15 -3.35
N SER A 18 13.83 -2.62 -3.91
CA SER A 18 13.58 -2.82 -5.33
C SER A 18 13.40 -1.55 -6.17
N PHE A 19 13.83 -0.41 -5.65
CA PHE A 19 13.66 0.82 -6.40
C PHE A 19 14.87 1.13 -7.30
N MET A 20 16.03 1.38 -6.69
CA MET A 20 17.24 1.69 -7.46
C MET A 20 18.53 1.34 -6.70
N ASP A 21 19.37 0.51 -7.31
CA ASP A 21 20.63 0.08 -6.72
C ASP A 21 21.78 0.93 -7.29
N THR A 22 22.58 1.52 -6.42
CA THR A 22 23.69 2.37 -6.87
C THR A 22 25.09 1.82 -6.56
N ASN A 23 25.18 0.65 -5.95
CA ASN A 23 26.50 0.11 -5.64
C ASN A 23 26.72 -1.34 -6.05
N GLY A 24 25.94 -1.81 -7.01
CA GLY A 24 26.06 -3.16 -7.54
C GLY A 24 25.93 -4.38 -6.64
N ASP A 25 25.16 -4.28 -5.55
CA ASP A 25 24.99 -5.44 -4.69
C ASP A 25 23.66 -6.13 -5.01
N GLY A 26 22.98 -5.63 -6.04
CA GLY A 26 21.72 -6.20 -6.46
C GLY A 26 20.51 -5.82 -5.61
N ILE A 27 20.69 -4.84 -4.73
CA ILE A 27 19.62 -4.40 -3.85
C ILE A 27 19.50 -2.88 -3.86
N GLY A 28 18.26 -2.39 -3.95
CA GLY A 28 18.04 -0.95 -3.96
C GLY A 28 18.54 -0.29 -2.69
N ASP A 29 18.83 1.00 -2.76
CA ASP A 29 19.33 1.73 -1.61
C ASP A 29 18.84 3.17 -1.60
N LEU A 30 19.08 3.86 -0.48
CA LEU A 30 18.65 5.24 -0.33
C LEU A 30 19.19 6.19 -1.40
N LYS A 31 20.48 6.10 -1.70
CA LYS A 31 21.08 6.95 -2.74
C LYS A 31 20.36 6.74 -4.07
N GLY A 32 19.95 5.51 -4.33
CA GLY A 32 19.23 5.22 -5.56
C GLY A 32 17.90 5.96 -5.60
N ILE A 33 17.23 6.02 -4.46
CA ILE A 33 15.95 6.73 -4.37
C ILE A 33 16.20 8.21 -4.65
N THR A 34 17.13 8.78 -3.90
CA THR A 34 17.48 10.19 -4.06
C THR A 34 17.82 10.54 -5.50
N SER A 35 18.49 9.62 -6.20
CA SER A 35 18.89 9.85 -7.57
C SER A 35 17.72 9.93 -8.55
N LYS A 36 16.53 9.53 -8.11
CA LYS A 36 15.35 9.53 -8.96
C LYS A 36 14.26 10.51 -8.52
N LEU A 37 14.60 11.44 -7.63
CA LEU A 37 13.63 12.41 -7.15
C LEU A 37 13.10 13.33 -8.25
N ASP A 38 13.94 13.60 -9.26
CA ASP A 38 13.52 14.45 -10.38
C ASP A 38 12.38 13.75 -11.10
N TYR A 39 12.51 12.44 -11.25
CA TYR A 39 11.49 11.63 -11.92
C TYR A 39 10.16 11.75 -11.18
N LEU A 40 10.21 11.49 -9.87
CA LEU A 40 9.02 11.55 -9.05
C LEU A 40 8.43 12.95 -9.02
N GLN A 41 9.27 13.97 -9.15
CA GLN A 41 8.80 15.34 -9.17
C GLN A 41 8.05 15.58 -10.48
N LYS A 42 8.56 14.99 -11.56
CA LYS A 42 7.90 15.14 -12.86
C LYS A 42 6.52 14.47 -12.77
N LEU A 43 6.48 13.30 -12.14
CA LEU A 43 5.22 12.58 -11.97
C LEU A 43 4.28 13.53 -11.24
N GLY A 44 4.82 14.24 -10.27
CA GLY A 44 4.01 15.21 -9.53
C GLY A 44 3.55 14.79 -8.14
N VAL A 45 4.05 13.66 -7.64
CA VAL A 45 3.65 13.23 -6.31
C VAL A 45 4.19 14.20 -5.27
N MET A 46 3.43 14.40 -4.21
CA MET A 46 3.80 15.32 -3.14
C MET A 46 4.43 14.62 -1.93
N ALA A 47 4.36 13.30 -1.90
CA ALA A 47 4.93 12.54 -0.80
C ALA A 47 5.29 11.13 -1.20
N ILE A 48 6.24 10.56 -0.47
CA ILE A 48 6.68 9.20 -0.72
C ILE A 48 6.52 8.34 0.52
N TRP A 49 5.72 7.28 0.39
CA TRP A 49 5.57 6.36 1.52
C TRP A 49 6.75 5.42 1.32
N LEU A 50 7.74 5.57 2.19
CA LEU A 50 8.93 4.75 2.15
C LEU A 50 8.80 3.55 3.06
N SER A 51 8.81 2.35 2.47
CA SER A 51 8.74 1.14 3.28
C SER A 51 10.01 1.10 4.13
N PRO A 52 9.98 0.35 5.24
CA PRO A 52 11.11 0.21 6.19
C PRO A 52 12.53 0.20 5.64
N VAL A 53 13.37 1.06 6.20
CA VAL A 53 14.79 1.16 5.82
C VAL A 53 15.62 1.10 7.09
N TYR A 54 14.97 0.73 8.20
CA TYR A 54 15.64 0.64 9.49
C TYR A 54 16.46 -0.64 9.63
N ASP A 55 17.38 -0.63 10.60
CA ASP A 55 18.23 -1.78 10.89
C ASP A 55 17.31 -2.98 11.06
N SER A 56 17.58 -4.03 10.30
CA SER A 56 16.74 -5.22 10.34
C SER A 56 17.40 -6.48 9.78
N PRO A 57 17.13 -7.65 10.39
CA PRO A 57 17.72 -8.91 9.92
C PRO A 57 17.10 -9.26 8.56
N MET A 58 15.98 -8.62 8.25
CA MET A 58 15.27 -8.82 6.98
C MET A 58 14.50 -10.14 6.88
N ASP A 59 14.11 -10.69 8.02
CA ASP A 59 13.32 -11.93 8.04
C ASP A 59 12.00 -11.64 7.32
N ASP A 60 11.56 -10.39 7.40
CA ASP A 60 10.34 -9.98 6.73
C ASP A 60 10.65 -8.67 5.99
N ASN A 61 11.87 -8.62 5.48
CA ASN A 61 12.38 -7.50 4.70
C ASN A 61 12.07 -6.10 5.21
N GLY A 62 12.48 -5.82 6.45
CA GLY A 62 12.28 -4.50 7.01
C GLY A 62 11.18 -4.35 8.03
N TYR A 63 10.15 -5.20 7.98
CA TYR A 63 9.07 -5.10 8.95
C TYR A 63 9.39 -5.81 10.24
N ASP A 64 10.64 -6.25 10.35
CA ASP A 64 11.18 -6.89 11.55
C ASP A 64 12.37 -5.99 11.90
N ILE A 65 12.07 -4.92 12.63
CA ILE A 65 13.05 -3.91 13.02
C ILE A 65 13.87 -4.19 14.26
N ALA A 66 15.19 -4.10 14.13
CA ALA A 66 16.12 -4.35 15.23
C ALA A 66 16.59 -3.04 15.87
N ASN A 67 16.37 -1.92 15.20
CA ASN A 67 16.75 -0.60 15.72
C ASN A 67 15.97 0.46 14.96
N TYR A 68 15.03 1.11 15.63
CA TYR A 68 14.19 2.14 15.03
C TYR A 68 14.92 3.43 14.65
N GLU A 69 16.11 3.63 15.21
CA GLU A 69 16.86 4.84 14.95
C GLU A 69 18.19 4.68 14.21
N ALA A 70 18.28 3.64 13.39
CA ALA A 70 19.48 3.40 12.60
C ALA A 70 19.06 2.83 11.25
N ILE A 71 19.79 3.19 10.20
CA ILE A 71 19.50 2.72 8.86
C ILE A 71 20.15 1.36 8.67
N ALA A 72 19.46 0.44 7.99
CA ALA A 72 20.03 -0.87 7.74
C ALA A 72 21.22 -0.68 6.80
N ASP A 73 22.33 -1.36 7.08
CA ASP A 73 23.55 -1.27 6.27
C ASP A 73 23.28 -1.35 4.77
N ILE A 74 22.40 -2.28 4.40
CA ILE A 74 22.09 -2.49 3.01
C ILE A 74 21.49 -1.26 2.30
N PHE A 75 20.81 -0.40 3.04
CA PHE A 75 20.22 0.78 2.44
C PHE A 75 21.15 2.00 2.45
N GLY A 76 22.17 1.95 3.29
CA GLY A 76 23.11 3.05 3.39
C GLY A 76 23.28 3.45 4.84
N ASN A 77 23.25 4.75 5.11
CA ASN A 77 23.41 5.23 6.48
C ASN A 77 22.51 6.43 6.74
N MET A 78 22.55 6.94 7.97
CA MET A 78 21.71 8.08 8.35
C MET A 78 22.00 9.30 7.47
N ALA A 79 23.24 9.45 7.03
CA ALA A 79 23.60 10.58 6.18
C ALA A 79 22.79 10.49 4.88
N ASP A 80 22.67 9.28 4.35
CA ASP A 80 21.91 9.06 3.12
C ASP A 80 20.44 9.37 3.35
N MET A 81 19.94 9.00 4.53
CA MET A 81 18.54 9.23 4.88
C MET A 81 18.27 10.73 4.94
N ASP A 82 19.18 11.47 5.58
CA ASP A 82 19.03 12.91 5.70
C ASP A 82 19.04 13.56 4.32
N ASN A 83 19.96 13.12 3.46
CA ASN A 83 20.02 13.69 2.12
C ASN A 83 18.72 13.45 1.35
N LEU A 84 18.12 12.27 1.51
CA LEU A 84 16.87 11.98 0.83
C LEU A 84 15.82 12.97 1.30
N LEU A 85 15.76 13.16 2.62
CA LEU A 85 14.81 14.09 3.21
C LEU A 85 15.00 15.50 2.63
N THR A 86 16.23 15.98 2.66
CA THR A 86 16.53 17.32 2.14
C THR A 86 16.31 17.45 0.62
N GLN A 87 16.81 16.49 -0.15
CA GLN A 87 16.63 16.56 -1.60
C GLN A 87 15.17 16.44 -2.00
N ALA A 88 14.41 15.65 -1.24
CA ALA A 88 12.99 15.48 -1.53
C ALA A 88 12.26 16.79 -1.23
N LYS A 89 12.53 17.34 -0.05
CA LYS A 89 11.93 18.59 0.37
C LYS A 89 12.17 19.69 -0.67
N MET A 90 13.41 19.80 -1.15
CA MET A 90 13.75 20.80 -2.14
C MET A 90 12.91 20.67 -3.40
N ARG A 91 12.33 19.50 -3.60
CA ARG A 91 11.51 19.27 -4.77
C ARG A 91 10.02 19.18 -4.40
N GLY A 92 9.68 19.68 -3.22
CA GLY A 92 8.30 19.67 -2.76
C GLY A 92 7.74 18.30 -2.44
N ILE A 93 8.61 17.36 -2.11
CA ILE A 93 8.18 15.99 -1.78
C ILE A 93 8.50 15.66 -0.32
N LYS A 94 7.48 15.29 0.43
CA LYS A 94 7.65 14.93 1.83
C LYS A 94 7.87 13.42 1.96
N ILE A 95 8.57 13.03 3.01
CA ILE A 95 8.84 11.61 3.24
C ILE A 95 7.98 11.05 4.35
N ILE A 96 7.17 10.05 4.02
CA ILE A 96 6.31 9.40 5.00
C ILE A 96 7.01 8.10 5.36
N MET A 97 7.42 7.97 6.62
CA MET A 97 8.11 6.76 7.06
C MET A 97 7.12 5.66 7.45
N ASP A 98 7.57 4.41 7.37
CA ASP A 98 6.71 3.29 7.71
C ASP A 98 6.91 3.05 9.20
N LEU A 99 5.84 3.18 9.98
CA LEU A 99 5.90 2.99 11.42
C LEU A 99 5.44 1.57 11.75
N VAL A 100 6.39 0.72 12.16
CA VAL A 100 6.11 -0.68 12.48
C VAL A 100 6.32 -0.89 13.99
N VAL A 101 5.26 -0.67 14.76
CA VAL A 101 5.38 -0.79 16.21
C VAL A 101 4.47 -1.78 16.91
N ASN A 102 3.88 -2.71 16.16
CA ASN A 102 3.05 -3.73 16.78
C ASN A 102 3.99 -4.85 17.20
N HIS A 103 5.19 -4.81 16.65
CA HIS A 103 6.21 -5.82 16.92
C HIS A 103 7.58 -5.31 16.47
N THR A 104 8.61 -6.00 16.91
CA THR A 104 9.98 -5.66 16.55
C THR A 104 10.66 -6.96 16.20
N SER A 105 11.91 -6.86 15.76
CA SER A 105 12.70 -8.04 15.45
C SER A 105 13.07 -8.70 16.78
N ASP A 106 13.32 -10.01 16.76
CA ASP A 106 13.71 -10.68 17.99
C ASP A 106 15.19 -10.34 18.23
N GLU A 107 15.75 -9.54 17.34
CA GLU A 107 17.15 -9.12 17.46
C GLU A 107 17.25 -7.66 17.89
N HIS A 108 16.11 -7.09 18.27
CA HIS A 108 16.08 -5.72 18.76
C HIS A 108 16.67 -5.78 20.16
N ALA A 109 17.34 -4.71 20.59
CA ALA A 109 17.94 -4.68 21.93
C ALA A 109 16.95 -5.02 23.04
N TRP A 110 15.72 -4.53 22.92
CA TRP A 110 14.70 -4.80 23.94
C TRP A 110 14.40 -6.29 24.10
N PHE A 111 14.27 -7.01 22.99
CA PHE A 111 13.96 -8.43 23.06
C PHE A 111 15.14 -9.23 23.59
N ILE A 112 16.34 -8.89 23.15
CA ILE A 112 17.55 -9.58 23.59
C ILE A 112 17.63 -9.48 25.12
N GLU A 113 17.34 -8.31 25.65
CA GLU A 113 17.37 -8.08 27.09
C GLU A 113 16.23 -8.82 27.77
N ALA A 114 15.08 -8.87 27.10
CA ALA A 114 13.90 -9.54 27.66
C ALA A 114 14.11 -11.04 27.81
N ARG A 115 14.82 -11.64 26.85
CA ARG A 115 15.07 -13.07 26.86
C ARG A 115 16.20 -13.45 27.83
N GLU A 116 17.28 -12.68 27.80
CA GLU A 116 18.43 -12.91 28.66
C GLU A 116 18.18 -12.59 30.13
N HIS A 117 17.37 -11.56 30.39
CA HIS A 117 17.06 -11.15 31.75
C HIS A 117 15.55 -11.02 31.97
N PRO A 118 14.87 -12.14 32.22
CA PRO A 118 13.42 -12.17 32.45
C PRO A 118 12.91 -11.22 33.53
N ASP A 119 13.82 -10.71 34.36
CA ASP A 119 13.44 -9.79 35.43
C ASP A 119 13.60 -8.33 35.02
N SER A 120 14.13 -8.10 33.83
CA SER A 120 14.33 -6.74 33.33
C SER A 120 13.00 -6.07 32.99
N SER A 121 13.02 -4.76 32.81
CA SER A 121 11.82 -4.02 32.47
C SER A 121 11.36 -4.39 31.06
N GLU A 122 12.30 -4.46 30.13
CA GLU A 122 11.98 -4.78 28.74
C GLU A 122 11.30 -6.13 28.56
N ARG A 123 11.33 -6.95 29.60
CA ARG A 123 10.67 -8.25 29.54
C ARG A 123 9.17 -7.99 29.31
N ASP A 124 8.66 -6.96 29.99
CA ASP A 124 7.25 -6.60 29.89
C ASP A 124 6.93 -5.77 28.64
N TYR A 125 7.94 -5.53 27.79
CA TYR A 125 7.72 -4.81 26.55
C TYR A 125 7.10 -5.77 25.55
N TYR A 126 7.17 -7.07 25.88
CA TYR A 126 6.62 -8.10 25.01
C TYR A 126 5.52 -8.88 25.72
N ILE A 127 4.91 -9.83 25.02
CA ILE A 127 3.80 -10.61 25.59
C ILE A 127 4.17 -12.07 25.82
N TRP A 128 4.20 -12.48 27.09
CA TRP A 128 4.56 -13.84 27.45
C TRP A 128 3.45 -14.58 28.19
N CYS A 129 3.53 -15.90 28.18
CA CYS A 129 2.53 -16.72 28.86
C CYS A 129 3.04 -18.14 29.08
N ASP A 130 2.42 -18.84 30.02
CA ASP A 130 2.77 -20.20 30.36
C ASP A 130 1.81 -21.14 29.63
N GLN A 131 0.56 -20.71 29.54
CA GLN A 131 -0.50 -21.48 28.90
C GLN A 131 -0.99 -20.78 27.63
N PRO A 132 -0.50 -21.22 26.46
CA PRO A 132 -0.90 -20.63 25.18
C PRO A 132 -2.27 -21.05 24.68
N ASN A 133 -2.95 -20.16 23.96
CA ASN A 133 -4.25 -20.47 23.41
C ASN A 133 -4.11 -20.84 21.94
N ASP A 134 -5.22 -20.90 21.21
CA ASP A 134 -5.17 -21.28 19.81
C ASP A 134 -4.96 -20.16 18.81
N LEU A 135 -4.48 -19.00 19.27
CA LEU A 135 -4.23 -17.89 18.37
C LEU A 135 -3.20 -18.34 17.33
N GLU A 136 -3.45 -18.01 16.07
CA GLU A 136 -2.55 -18.40 15.00
C GLU A 136 -1.77 -17.23 14.45
N SER A 137 -0.63 -17.55 13.84
CA SER A 137 0.22 -16.53 13.23
C SER A 137 -0.27 -16.31 11.81
N ILE A 138 -0.16 -15.07 11.35
CA ILE A 138 -0.59 -14.72 10.00
C ILE A 138 0.31 -15.40 8.96
N PHE A 139 1.53 -15.76 9.35
CA PHE A 139 2.43 -16.43 8.41
C PHE A 139 2.47 -17.94 8.64
N GLY A 140 1.44 -18.47 9.30
CA GLY A 140 1.37 -19.89 9.55
C GLY A 140 1.80 -20.36 10.93
N GLY A 141 1.10 -21.36 11.46
CA GLY A 141 1.44 -21.90 12.76
C GLY A 141 0.84 -21.14 13.92
N SER A 142 1.24 -21.53 15.13
CA SER A 142 0.76 -20.90 16.35
C SER A 142 1.37 -19.51 16.49
N ALA A 143 0.60 -18.60 17.09
CA ALA A 143 1.08 -17.23 17.31
C ALA A 143 1.93 -17.21 18.58
N TRP A 144 2.12 -18.37 19.19
CA TRP A 144 2.91 -18.47 20.41
C TRP A 144 4.18 -19.30 20.17
N GLN A 145 5.33 -18.72 20.47
CA GLN A 145 6.61 -19.41 20.29
C GLN A 145 7.26 -19.69 21.64
N TYR A 146 7.43 -20.96 21.96
CA TYR A 146 8.05 -21.33 23.22
C TYR A 146 9.51 -20.92 23.24
N ASP A 147 9.95 -20.36 24.35
CA ASP A 147 11.34 -19.95 24.51
C ASP A 147 11.96 -20.84 25.57
N ASP A 148 12.84 -21.75 25.16
CA ASP A 148 13.45 -22.67 26.10
C ASP A 148 14.48 -22.04 27.03
N LYS A 149 14.80 -20.77 26.77
CA LYS A 149 15.76 -20.05 27.61
C LYS A 149 15.06 -19.51 28.86
N SER A 150 13.83 -19.04 28.71
CA SER A 150 13.08 -18.51 29.85
C SER A 150 11.85 -19.36 30.18
N ASP A 151 11.64 -20.41 29.40
CA ASP A 151 10.53 -21.34 29.61
C ASP A 151 9.11 -20.76 29.50
N GLN A 152 8.93 -19.78 28.63
CA GLN A 152 7.62 -19.18 28.39
C GLN A 152 7.41 -18.98 26.91
N TYR A 153 6.16 -18.83 26.50
CA TYR A 153 5.85 -18.60 25.10
C TYR A 153 5.73 -17.10 24.89
N TYR A 154 6.23 -16.60 23.77
CA TYR A 154 6.08 -15.19 23.47
C TYR A 154 5.16 -15.14 22.25
N LEU A 155 4.34 -14.10 22.20
CA LEU A 155 3.40 -13.92 21.12
C LEU A 155 4.04 -13.31 19.89
N HIS A 156 3.54 -13.73 18.72
CA HIS A 156 4.01 -13.21 17.45
C HIS A 156 2.93 -13.52 16.42
N PHE A 157 2.17 -12.50 16.02
CA PHE A 157 1.13 -12.70 15.03
C PHE A 157 1.73 -12.87 13.65
N PHE A 158 3.00 -12.49 13.52
CA PHE A 158 3.67 -12.63 12.24
C PHE A 158 4.75 -13.70 12.35
N SER A 159 5.95 -13.45 11.85
CA SER A 159 6.98 -14.49 11.93
C SER A 159 7.56 -14.64 13.34
N LYS A 160 8.16 -15.79 13.60
CA LYS A 160 8.76 -16.06 14.90
C LYS A 160 9.83 -15.04 15.24
N LYS A 161 10.36 -14.36 14.22
CA LYS A 161 11.39 -13.36 14.45
C LYS A 161 10.81 -11.96 14.57
N GLN A 162 9.53 -11.88 14.87
CA GLN A 162 8.85 -10.61 15.05
C GLN A 162 7.96 -10.67 16.28
N PRO A 163 8.57 -10.75 17.47
CA PRO A 163 7.78 -10.81 18.70
C PRO A 163 6.93 -9.54 18.88
N ASP A 164 5.67 -9.75 19.27
CA ASP A 164 4.73 -8.65 19.48
C ASP A 164 5.05 -7.79 20.69
N LEU A 165 4.85 -6.49 20.56
CA LEU A 165 5.08 -5.56 21.65
C LEU A 165 3.82 -5.51 22.52
N ASN A 166 4.01 -5.23 23.81
CA ASN A 166 2.92 -5.17 24.76
C ASN A 166 2.41 -3.73 24.92
N TRP A 167 1.37 -3.39 24.17
CA TRP A 167 0.81 -2.05 24.22
C TRP A 167 0.05 -1.69 25.50
N GLU A 168 -0.06 -2.64 26.42
CA GLU A 168 -0.70 -2.38 27.70
C GLU A 168 0.34 -1.75 28.61
N ASN A 169 1.61 -1.86 28.22
CA ASN A 169 2.72 -1.30 28.97
C ASN A 169 2.90 0.17 28.59
N ALA A 170 2.45 1.07 29.46
CA ALA A 170 2.54 2.51 29.19
C ALA A 170 3.97 3.02 28.93
N ASN A 171 4.95 2.37 29.56
CA ASN A 171 6.34 2.77 29.38
C ASN A 171 6.85 2.38 28.00
N LEU A 172 6.34 1.26 27.47
CA LEU A 172 6.73 0.81 26.14
C LEU A 172 6.14 1.80 25.13
N ARG A 173 4.87 2.14 25.30
CA ARG A 173 4.21 3.08 24.40
C ARG A 173 4.97 4.40 24.40
N GLN A 174 5.40 4.85 25.57
CA GLN A 174 6.15 6.09 25.68
C GLN A 174 7.44 6.04 24.86
N LYS A 175 8.19 4.95 24.99
CA LYS A 175 9.44 4.81 24.23
C LYS A 175 9.15 4.83 22.73
N ILE A 176 7.97 4.35 22.34
CA ILE A 176 7.60 4.37 20.94
C ILE A 176 7.36 5.81 20.52
N TYR A 177 6.78 6.62 21.41
CA TYR A 177 6.52 8.03 21.11
C TYR A 177 7.81 8.84 21.07
N ASP A 178 8.79 8.47 21.88
CA ASP A 178 10.07 9.15 21.90
C ASP A 178 10.73 8.90 20.54
N MET A 179 10.63 7.66 20.08
CA MET A 179 11.20 7.25 18.81
C MET A 179 10.52 8.02 17.67
N MET A 180 9.20 8.10 17.71
CA MET A 180 8.45 8.82 16.68
C MET A 180 8.87 10.28 16.63
N ASN A 181 9.08 10.88 17.80
CA ASN A 181 9.49 12.27 17.84
C ASN A 181 10.92 12.45 17.34
N PHE A 182 11.71 11.39 17.42
CA PHE A 182 13.08 11.42 16.92
C PHE A 182 12.97 11.64 15.42
N TRP A 183 12.07 10.89 14.78
CA TRP A 183 11.89 11.02 13.34
C TRP A 183 11.20 12.32 12.96
N ILE A 184 10.16 12.69 13.71
CA ILE A 184 9.45 13.93 13.44
C ILE A 184 10.44 15.10 13.42
N ASP A 185 11.36 15.11 14.38
CA ASP A 185 12.36 16.18 14.48
C ASP A 185 13.28 16.27 13.26
N LYS A 186 13.34 15.20 12.47
CA LYS A 186 14.18 15.21 11.28
C LYS A 186 13.46 15.77 10.07
N GLY A 187 12.19 16.10 10.24
CA GLY A 187 11.44 16.69 9.14
C GLY A 187 10.62 15.79 8.22
N ILE A 188 10.22 14.62 8.70
CA ILE A 188 9.40 13.74 7.87
C ILE A 188 8.03 14.38 7.69
N GLY A 189 7.28 13.90 6.70
CA GLY A 189 5.96 14.46 6.44
C GLY A 189 4.82 13.63 7.04
N GLY A 190 5.16 12.53 7.70
CA GLY A 190 4.11 11.72 8.28
C GLY A 190 4.51 10.26 8.49
N PHE A 191 3.53 9.45 8.86
CA PHE A 191 3.74 8.03 9.12
C PHE A 191 2.68 7.12 8.47
N ARG A 192 3.13 5.98 7.97
CA ARG A 192 2.23 4.97 7.43
C ARG A 192 2.32 3.97 8.57
N MET A 193 1.20 3.69 9.23
CA MET A 193 1.21 2.80 10.38
C MET A 193 0.83 1.34 10.13
N ASP A 194 1.85 0.50 10.20
CA ASP A 194 1.77 -0.95 9.99
C ASP A 194 0.82 -1.65 10.96
N VAL A 195 -0.19 -2.33 10.40
CA VAL A 195 -1.20 -3.06 11.16
C VAL A 195 -1.55 -2.42 12.49
N ILE A 196 -1.64 -1.10 12.46
CA ILE A 196 -1.93 -0.30 13.65
C ILE A 196 -3.20 -0.67 14.39
N ASP A 197 -4.19 -1.23 13.70
CA ASP A 197 -5.43 -1.58 14.36
C ASP A 197 -5.30 -2.84 15.21
N MET A 198 -4.07 -3.32 15.37
CA MET A 198 -3.78 -4.49 16.18
C MET A 198 -3.25 -4.14 17.57
N ILE A 199 -2.82 -2.89 17.77
CA ILE A 199 -2.25 -2.51 19.07
C ILE A 199 -3.24 -2.56 20.24
N GLY A 200 -4.52 -2.76 19.94
CA GLY A 200 -5.50 -2.85 21.00
C GLY A 200 -5.79 -4.32 21.31
N LYS A 201 -4.91 -5.18 20.82
CA LYS A 201 -5.03 -6.62 21.01
C LYS A 201 -5.09 -7.05 22.48
N ILE A 202 -5.83 -8.12 22.73
CA ILE A 202 -5.96 -8.71 24.06
C ILE A 202 -5.94 -10.21 23.79
N PRO A 203 -4.75 -10.77 23.58
CA PRO A 203 -4.60 -12.20 23.30
C PRO A 203 -5.36 -13.14 24.23
N ALA A 204 -5.28 -12.91 25.53
CA ALA A 204 -5.97 -13.77 26.49
C ALA A 204 -7.44 -13.97 26.13
N GLN A 205 -8.04 -12.95 25.51
CA GLN A 205 -9.45 -13.01 25.12
C GLN A 205 -9.62 -13.22 23.62
N HIS A 206 -8.55 -13.59 22.94
CA HIS A 206 -8.60 -13.79 21.50
C HIS A 206 -9.07 -12.54 20.77
N ILE A 207 -8.77 -11.39 21.35
CA ILE A 207 -9.10 -10.10 20.74
C ILE A 207 -7.83 -9.64 20.02
N VAL A 208 -7.91 -9.47 18.72
CA VAL A 208 -6.76 -9.04 17.95
C VAL A 208 -6.95 -7.62 17.43
N SER A 209 -7.67 -7.46 16.32
CA SER A 209 -7.91 -6.13 15.76
C SER A 209 -9.08 -5.44 16.45
N ASN A 210 -9.13 -4.12 16.35
CA ASN A 210 -10.22 -3.34 16.94
C ASN A 210 -10.41 -3.57 18.43
N GLY A 211 -9.31 -3.70 19.17
CA GLY A 211 -9.39 -3.91 20.61
C GLY A 211 -10.03 -2.72 21.30
N PRO A 212 -10.50 -2.88 22.56
CA PRO A 212 -11.14 -1.79 23.29
C PRO A 212 -10.32 -0.54 23.59
N LYS A 213 -9.00 -0.68 23.72
CA LYS A 213 -8.15 0.48 24.02
C LYS A 213 -7.47 1.06 22.79
N LEU A 214 -7.73 0.45 21.63
CA LEU A 214 -7.13 0.87 20.35
C LEU A 214 -7.13 2.37 20.05
N HIS A 215 -8.32 2.97 20.03
CA HIS A 215 -8.44 4.39 19.72
C HIS A 215 -7.86 5.28 20.82
N ALA A 216 -7.87 4.77 22.05
CA ALA A 216 -7.32 5.52 23.16
C ALA A 216 -5.81 5.63 22.94
N TYR A 217 -5.19 4.53 22.49
CA TYR A 217 -3.75 4.57 22.23
C TYR A 217 -3.44 5.52 21.08
N LEU A 218 -4.25 5.48 20.03
CA LEU A 218 -4.02 6.37 18.89
C LEU A 218 -4.15 7.84 19.31
N LYS A 219 -5.11 8.13 20.19
CA LYS A 219 -5.29 9.50 20.67
C LYS A 219 -4.07 9.90 21.51
N GLU A 220 -3.59 8.95 22.30
CA GLU A 220 -2.43 9.19 23.15
C GLU A 220 -1.19 9.38 22.28
N MET A 221 -1.08 8.58 21.23
CA MET A 221 0.06 8.66 20.31
C MET A 221 0.03 10.01 19.62
N ASN A 222 -1.15 10.40 19.16
CA ASN A 222 -1.36 11.67 18.48
C ASN A 222 -0.90 12.85 19.36
N ALA A 223 -1.41 12.89 20.59
CA ALA A 223 -1.07 13.98 21.52
C ALA A 223 0.40 14.03 21.91
N ALA A 224 1.03 12.85 22.01
CA ALA A 224 2.43 12.78 22.39
C ALA A 224 3.42 13.01 21.25
N SER A 225 2.94 13.01 20.01
CA SER A 225 3.86 13.19 18.90
C SER A 225 3.41 14.03 17.70
N PHE A 226 2.89 13.35 16.67
CA PHE A 226 2.49 14.04 15.44
C PHE A 226 1.32 15.01 15.49
N GLY A 227 0.47 14.89 16.50
CA GLY A 227 -0.69 15.77 16.60
C GLY A 227 -0.40 17.25 16.49
N GLN A 228 0.60 17.74 17.21
CA GLN A 228 0.94 19.15 17.19
C GLN A 228 1.56 19.58 15.87
N HIS A 229 1.88 18.62 15.01
CA HIS A 229 2.46 18.95 13.73
C HIS A 229 1.41 18.87 12.64
N ASP A 230 1.81 19.08 11.41
CA ASP A 230 0.86 19.05 10.31
C ASP A 230 1.30 17.97 9.34
N LEU A 231 1.24 16.72 9.81
CA LEU A 231 1.68 15.57 9.04
C LEU A 231 0.56 14.67 8.51
N LEU A 232 0.93 13.79 7.59
CA LEU A 232 -0.03 12.84 7.03
C LEU A 232 0.19 11.50 7.72
N THR A 233 -0.83 11.02 8.42
CA THR A 233 -0.72 9.72 9.07
C THR A 233 -1.81 8.82 8.49
N VAL A 234 -1.38 7.70 7.91
CA VAL A 234 -2.30 6.74 7.33
C VAL A 234 -2.05 5.38 7.97
N GLY A 235 -3.08 4.84 8.61
CA GLY A 235 -2.93 3.55 9.26
C GLY A 235 -3.39 2.39 8.40
N GLN A 236 -2.66 1.29 8.44
CA GLN A 236 -3.05 0.09 7.70
C GLN A 236 -4.03 -0.63 8.61
N THR A 237 -5.31 -0.63 8.23
CA THR A 237 -6.34 -1.27 9.05
C THR A 237 -7.18 -2.30 8.30
N TRP A 238 -6.78 -3.57 8.39
CA TRP A 238 -7.53 -4.63 7.71
C TRP A 238 -8.91 -4.83 8.33
N GLY A 239 -9.04 -4.61 9.63
CA GLY A 239 -10.33 -4.80 10.27
C GLY A 239 -11.23 -3.57 10.28
N ALA A 240 -10.94 -2.61 9.42
CA ALA A 240 -11.74 -1.38 9.37
C ALA A 240 -13.01 -1.41 8.52
N THR A 241 -14.06 -0.79 9.03
CA THR A 241 -15.33 -0.67 8.33
C THR A 241 -15.51 0.84 8.17
N PRO A 242 -16.52 1.27 7.40
CA PRO A 242 -16.70 2.72 7.25
C PRO A 242 -16.91 3.46 8.57
N GLU A 243 -17.71 2.88 9.46
CA GLU A 243 -17.98 3.51 10.76
C GLU A 243 -16.70 3.64 11.58
N ILE A 244 -15.87 2.58 11.57
CA ILE A 244 -14.61 2.60 12.30
C ILE A 244 -13.68 3.63 11.66
N ALA A 245 -13.67 3.69 10.33
CA ALA A 245 -12.82 4.62 9.62
C ALA A 245 -13.13 6.06 10.02
N LYS A 246 -14.41 6.36 10.26
CA LYS A 246 -14.80 7.70 10.67
C LYS A 246 -14.12 8.04 11.98
N GLN A 247 -14.07 7.06 12.87
CA GLN A 247 -13.43 7.23 14.17
C GLN A 247 -11.96 7.57 13.93
N TYR A 248 -11.34 6.89 12.96
CA TYR A 248 -9.93 7.13 12.63
C TYR A 248 -9.64 8.48 11.97
N SER A 249 -10.38 8.77 10.91
CA SER A 249 -10.13 9.98 10.12
C SER A 249 -10.90 11.27 10.38
N ASN A 250 -11.95 11.25 11.18
CA ASN A 250 -12.66 12.50 11.44
C ASN A 250 -11.69 13.31 12.30
N PRO A 251 -11.24 14.46 11.80
CA PRO A 251 -10.30 15.28 12.58
C PRO A 251 -10.68 15.59 14.03
N VAL A 252 -11.98 15.61 14.34
CA VAL A 252 -12.40 15.89 15.70
C VAL A 252 -12.02 14.79 16.69
N ASN A 253 -11.68 13.61 16.19
CA ASN A 253 -11.28 12.51 17.05
C ASN A 253 -9.80 12.61 17.43
N HIS A 254 -9.07 13.46 16.71
CA HIS A 254 -7.65 13.64 16.96
C HIS A 254 -6.88 12.33 16.92
N GLU A 255 -7.10 11.57 15.85
CA GLU A 255 -6.41 10.31 15.66
C GLU A 255 -5.55 10.35 14.39
N LEU A 256 -6.04 9.81 13.28
CA LEU A 256 -5.25 9.81 12.05
C LEU A 256 -5.83 10.64 10.90
N SER A 257 -5.07 10.77 9.83
CA SER A 257 -5.50 11.51 8.65
C SER A 257 -6.44 10.61 7.85
N MET A 258 -6.09 9.33 7.79
CA MET A 258 -6.87 8.34 7.03
C MET A 258 -6.30 6.97 7.33
N VAL A 259 -6.90 5.94 6.72
CA VAL A 259 -6.43 4.57 6.87
C VAL A 259 -6.60 3.83 5.55
N PHE A 260 -5.96 2.66 5.45
CA PHE A 260 -6.09 1.81 4.28
C PHE A 260 -7.12 0.74 4.65
N GLN A 261 -8.23 0.67 3.92
CA GLN A 261 -9.25 -0.35 4.18
C GLN A 261 -9.11 -1.34 3.01
N PHE A 262 -9.24 -2.63 3.30
CA PHE A 262 -9.07 -3.66 2.27
C PHE A 262 -10.31 -4.43 1.82
N GLU A 263 -11.48 -3.83 1.96
CA GLU A 263 -12.71 -4.51 1.56
C GLU A 263 -12.70 -4.87 0.06
N HIS A 264 -12.26 -3.94 -0.78
CA HIS A 264 -12.23 -4.21 -2.21
C HIS A 264 -11.18 -5.28 -2.54
N ILE A 265 -10.05 -5.25 -1.85
CA ILE A 265 -9.01 -6.24 -2.08
C ILE A 265 -9.55 -7.62 -1.72
N GLY A 266 -10.56 -7.64 -0.85
CA GLY A 266 -11.16 -8.90 -0.44
C GLY A 266 -11.80 -9.65 -1.60
N LEU A 267 -12.11 -8.94 -2.67
CA LEU A 267 -12.72 -9.56 -3.84
C LEU A 267 -11.72 -10.42 -4.60
N GLN A 268 -10.46 -10.41 -4.16
CA GLN A 268 -9.40 -11.18 -4.82
C GLN A 268 -9.33 -12.66 -4.41
N HIS A 269 -10.18 -13.06 -3.49
CA HIS A 269 -10.19 -14.46 -3.05
C HIS A 269 -11.60 -14.90 -2.66
N LYS A 270 -11.85 -16.20 -2.70
CA LYS A 270 -13.15 -16.73 -2.32
C LYS A 270 -13.45 -16.26 -0.90
N PRO A 271 -14.69 -15.86 -0.62
CA PRO A 271 -15.05 -15.40 0.72
C PRO A 271 -14.90 -16.51 1.76
N GLU A 272 -14.32 -16.15 2.91
CA GLU A 272 -14.11 -17.10 4.00
C GLU A 272 -12.98 -18.08 3.70
N ALA A 273 -12.08 -17.70 2.81
CA ALA A 273 -10.96 -18.57 2.45
C ALA A 273 -9.66 -17.77 2.41
N PRO A 274 -8.51 -18.45 2.59
CA PRO A 274 -7.24 -17.73 2.57
C PRO A 274 -7.04 -17.05 1.21
N LYS A 275 -6.18 -16.05 1.18
CA LYS A 275 -5.92 -15.32 -0.06
C LYS A 275 -5.37 -16.19 -1.17
N TRP A 276 -4.82 -17.35 -0.80
CA TRP A 276 -4.26 -18.26 -1.78
C TRP A 276 -5.33 -18.86 -2.69
N ASP A 277 -6.55 -18.96 -2.18
CA ASP A 277 -7.67 -19.48 -2.94
C ASP A 277 -8.22 -18.26 -3.67
N TYR A 278 -7.45 -17.76 -4.63
CA TYR A 278 -7.82 -16.56 -5.35
C TYR A 278 -8.96 -16.67 -6.37
N VAL A 279 -9.46 -15.50 -6.75
CA VAL A 279 -10.51 -15.38 -7.73
C VAL A 279 -9.93 -14.44 -8.77
N LYS A 280 -9.84 -14.91 -10.01
CA LYS A 280 -9.29 -14.12 -11.10
C LYS A 280 -10.29 -13.05 -11.53
N GLU A 281 -11.46 -13.50 -11.96
CA GLU A 281 -12.53 -12.65 -12.45
C GLU A 281 -13.02 -11.62 -11.43
N LEU A 282 -12.77 -10.35 -11.69
CA LEU A 282 -13.21 -9.29 -10.80
C LEU A 282 -14.72 -9.14 -10.86
N ASN A 283 -15.36 -9.07 -9.69
CA ASN A 283 -16.79 -8.89 -9.63
C ASN A 283 -17.03 -7.38 -9.58
N VAL A 284 -17.19 -6.78 -10.76
CA VAL A 284 -17.37 -5.34 -10.87
C VAL A 284 -18.56 -4.79 -10.06
N PRO A 285 -19.71 -5.50 -10.10
CA PRO A 285 -20.86 -5.00 -9.33
C PRO A 285 -20.51 -4.89 -7.84
N ALA A 286 -19.82 -5.89 -7.33
CA ALA A 286 -19.43 -5.90 -5.92
C ALA A 286 -18.50 -4.71 -5.66
N LEU A 287 -17.59 -4.45 -6.58
CA LEU A 287 -16.66 -3.33 -6.46
C LEU A 287 -17.45 -2.03 -6.39
N LYS A 288 -18.42 -1.86 -7.30
CA LYS A 288 -19.23 -0.64 -7.30
C LYS A 288 -19.82 -0.44 -5.91
N THR A 289 -20.47 -1.47 -5.40
CA THR A 289 -21.09 -1.44 -4.08
C THR A 289 -20.10 -1.05 -2.97
N ILE A 290 -18.92 -1.66 -2.99
CA ILE A 290 -17.90 -1.38 -1.99
C ILE A 290 -17.40 0.06 -2.07
N PHE A 291 -16.93 0.48 -3.24
CA PHE A 291 -16.44 1.85 -3.43
C PHE A 291 -17.52 2.87 -3.10
N ASN A 292 -18.73 2.63 -3.62
CA ASN A 292 -19.85 3.53 -3.39
C ASN A 292 -20.12 3.71 -1.90
N LYS A 293 -20.04 2.61 -1.16
CA LYS A 293 -20.27 2.66 0.28
C LYS A 293 -19.22 3.51 0.98
N TRP A 294 -17.95 3.28 0.65
CA TRP A 294 -16.88 4.06 1.28
C TRP A 294 -16.88 5.53 0.88
N GLN A 295 -17.30 5.82 -0.34
CA GLN A 295 -17.37 7.20 -0.81
C GLN A 295 -18.54 7.92 -0.15
N THR A 296 -19.64 7.18 0.03
CA THR A 296 -20.85 7.72 0.64
C THR A 296 -20.71 7.90 2.16
N GLU A 297 -20.37 6.83 2.85
CA GLU A 297 -20.21 6.88 4.30
C GLU A 297 -19.22 7.93 4.81
N LEU A 298 -18.03 7.99 4.21
CA LEU A 298 -17.02 8.96 4.65
C LEU A 298 -17.15 10.31 3.95
N GLU A 299 -18.22 11.03 4.25
CA GLU A 299 -18.44 12.34 3.65
C GLU A 299 -17.49 13.38 4.25
N LEU A 300 -17.38 14.53 3.59
CA LEU A 300 -16.50 15.60 4.06
C LEU A 300 -16.72 15.94 5.52
N GLY A 301 -15.66 16.39 6.20
CA GLY A 301 -15.76 16.73 7.60
C GLY A 301 -16.39 15.63 8.42
N GLN A 302 -16.14 14.39 8.01
CA GLN A 302 -16.68 13.23 8.69
C GLN A 302 -15.69 12.08 8.58
N GLY A 303 -14.84 12.16 7.57
CA GLY A 303 -13.85 11.13 7.34
C GLY A 303 -13.12 11.36 6.04
N TRP A 304 -12.00 10.68 5.85
CA TRP A 304 -11.22 10.83 4.62
C TRP A 304 -10.70 9.48 4.15
N ASN A 305 -10.96 9.17 2.88
CA ASN A 305 -10.55 7.91 2.27
C ASN A 305 -9.15 7.95 1.68
N SER A 306 -8.54 6.78 1.61
CA SER A 306 -7.23 6.60 0.99
C SER A 306 -7.63 5.80 -0.25
N LEU A 307 -6.97 6.01 -1.37
CA LEU A 307 -7.31 5.29 -2.58
C LEU A 307 -6.10 4.51 -3.11
N PHE A 308 -6.24 3.19 -3.26
CA PHE A 308 -5.14 2.37 -3.75
C PHE A 308 -5.61 1.07 -4.39
N TRP A 309 -4.79 0.55 -5.30
CA TRP A 309 -5.05 -0.70 -6.01
C TRP A 309 -4.11 -1.79 -5.52
N ASN A 310 -2.87 -1.41 -5.25
CA ASN A 310 -1.84 -2.36 -4.83
C ASN A 310 -0.72 -1.75 -4.00
N ASN A 311 0.12 -2.63 -3.45
CA ASN A 311 1.26 -2.24 -2.62
C ASN A 311 2.30 -3.36 -2.59
N HIS A 312 3.21 -3.31 -1.62
CA HIS A 312 4.27 -4.30 -1.49
C HIS A 312 3.77 -5.66 -1.00
N ASP A 313 2.50 -5.73 -0.58
CA ASP A 313 1.92 -6.98 -0.09
C ASP A 313 0.90 -7.57 -1.05
N LEU A 314 0.65 -6.87 -2.15
CA LEU A 314 -0.38 -7.33 -3.09
C LEU A 314 0.06 -7.53 -4.51
N PRO A 315 -0.73 -8.30 -5.28
CA PRO A 315 -0.40 -8.54 -6.69
C PRO A 315 -0.56 -7.23 -7.43
N ARG A 316 0.25 -7.00 -8.46
CA ARG A 316 0.12 -5.77 -9.21
C ARG A 316 -1.28 -5.78 -9.82
N VAL A 317 -1.94 -4.63 -9.75
CA VAL A 317 -3.31 -4.48 -10.23
C VAL A 317 -3.59 -5.02 -11.64
N LEU A 318 -2.67 -4.82 -12.57
CA LEU A 318 -2.89 -5.31 -13.92
C LEU A 318 -3.03 -6.82 -14.00
N SER A 319 -2.20 -7.53 -13.24
CA SER A 319 -2.21 -8.99 -13.24
C SER A 319 -3.45 -9.60 -12.59
N ILE A 320 -4.01 -8.92 -11.60
CA ILE A 320 -5.19 -9.45 -10.92
C ILE A 320 -6.51 -8.96 -11.52
N TRP A 321 -6.63 -7.64 -11.70
CA TRP A 321 -7.88 -7.07 -12.21
C TRP A 321 -7.80 -6.36 -13.56
N GLY A 322 -6.60 -6.27 -14.14
CA GLY A 322 -6.48 -5.58 -15.41
C GLY A 322 -6.25 -6.53 -16.57
N ASN A 323 -5.62 -6.03 -17.61
CA ASN A 323 -5.32 -6.82 -18.79
C ASN A 323 -3.81 -6.74 -19.01
N THR A 324 -3.16 -7.90 -19.15
CA THR A 324 -1.72 -7.93 -19.34
C THR A 324 -1.34 -8.28 -20.78
N GLY A 325 -2.34 -8.32 -21.65
CA GLY A 325 -2.08 -8.64 -23.04
C GLY A 325 -2.30 -7.48 -23.98
N LYS A 326 -3.24 -7.66 -24.89
CA LYS A 326 -3.59 -6.67 -25.90
C LYS A 326 -3.96 -5.29 -25.38
N TYR A 327 -4.59 -5.24 -24.20
CA TYR A 327 -5.00 -3.96 -23.63
C TYR A 327 -4.25 -3.61 -22.34
N ARG A 328 -2.98 -3.99 -22.25
CA ARG A 328 -2.23 -3.68 -21.02
C ARG A 328 -2.33 -2.20 -20.70
N GLU A 329 -1.81 -1.36 -21.60
CA GLU A 329 -1.81 0.08 -21.41
C GLU A 329 -3.18 0.70 -21.20
N LYS A 330 -4.14 0.33 -22.04
CA LYS A 330 -5.47 0.89 -21.93
C LYS A 330 -6.14 0.51 -20.61
N SER A 331 -6.01 -0.75 -20.19
CA SER A 331 -6.63 -1.19 -18.94
C SER A 331 -5.97 -0.48 -17.77
N ALA A 332 -4.64 -0.32 -17.85
CA ALA A 332 -3.90 0.37 -16.80
C ALA A 332 -4.42 1.80 -16.65
N LYS A 333 -4.61 2.48 -17.78
CA LYS A 333 -5.11 3.85 -17.76
C LYS A 333 -6.54 3.87 -17.21
N ALA A 334 -7.35 2.91 -17.65
CA ALA A 334 -8.73 2.81 -17.20
C ALA A 334 -8.84 2.65 -15.69
N LEU A 335 -8.01 1.77 -15.13
CA LEU A 335 -8.02 1.54 -13.69
C LEU A 335 -7.53 2.77 -12.93
N ALA A 336 -6.57 3.49 -13.50
CA ALA A 336 -6.03 4.69 -12.87
C ALA A 336 -7.12 5.76 -12.79
N ILE A 337 -7.80 5.97 -13.91
CA ILE A 337 -8.87 6.96 -14.00
C ILE A 337 -10.02 6.63 -13.06
N LEU A 338 -10.42 5.37 -13.03
CA LEU A 338 -11.50 4.92 -12.17
C LEU A 338 -11.25 5.26 -10.71
N LEU A 339 -10.04 4.96 -10.24
CA LEU A 339 -9.67 5.19 -8.84
C LEU A 339 -9.35 6.64 -8.46
N HIS A 340 -8.47 7.29 -9.19
CA HIS A 340 -8.07 8.65 -8.87
C HIS A 340 -9.12 9.75 -8.93
N LEU A 341 -10.22 9.53 -9.64
CA LEU A 341 -11.24 10.55 -9.73
C LEU A 341 -12.30 10.43 -8.63
N MET A 342 -12.05 9.56 -7.65
CA MET A 342 -12.96 9.41 -6.53
C MET A 342 -12.44 10.39 -5.47
N ARG A 343 -13.13 10.48 -4.33
CA ARG A 343 -12.70 11.38 -3.27
C ARG A 343 -11.74 10.70 -2.31
N GLY A 344 -10.56 11.28 -2.12
CA GLY A 344 -9.57 10.72 -1.21
C GLY A 344 -8.14 10.97 -1.63
N THR A 345 -7.21 10.38 -0.90
CA THR A 345 -5.80 10.53 -1.21
C THR A 345 -5.34 9.25 -1.89
N PRO A 346 -4.99 9.35 -3.18
CA PRO A 346 -4.54 8.16 -3.91
C PRO A 346 -3.06 7.80 -3.66
N TYR A 347 -2.77 6.50 -3.70
CA TYR A 347 -1.43 5.98 -3.50
C TYR A 347 -1.03 5.18 -4.74
N ILE A 348 0.13 5.52 -5.29
CA ILE A 348 0.67 4.86 -6.47
C ILE A 348 1.84 4.01 -6.02
N TYR A 349 1.82 2.72 -6.35
CA TYR A 349 2.91 1.83 -5.98
C TYR A 349 3.97 1.88 -7.08
N GLN A 350 5.25 1.95 -6.69
CA GLN A 350 6.33 2.03 -7.67
C GLN A 350 6.11 1.03 -8.79
N GLY A 351 6.20 1.52 -10.03
CA GLY A 351 6.01 0.68 -11.19
C GLY A 351 4.59 0.64 -11.71
N GLU A 352 3.63 0.97 -10.85
CA GLU A 352 2.23 0.97 -11.24
C GLU A 352 2.03 1.99 -12.37
N GLU A 353 2.75 3.10 -12.29
CA GLU A 353 2.62 4.17 -13.27
C GLU A 353 3.15 3.81 -14.66
N ILE A 354 3.79 2.65 -14.80
CA ILE A 354 4.27 2.23 -16.12
C ILE A 354 3.61 0.91 -16.48
N GLY A 355 2.74 0.44 -15.59
CA GLY A 355 2.04 -0.81 -15.83
C GLY A 355 2.84 -2.08 -15.71
N MET A 356 3.70 -2.18 -14.70
CA MET A 356 4.47 -3.41 -14.51
C MET A 356 3.47 -4.48 -14.10
N THR A 357 3.89 -5.74 -14.16
CA THR A 357 3.00 -6.84 -13.79
C THR A 357 3.68 -7.80 -12.82
N ASN A 358 2.98 -8.88 -12.52
CA ASN A 358 3.47 -9.92 -11.63
C ASN A 358 4.62 -10.64 -12.34
N TYR A 359 5.41 -11.41 -11.61
CA TYR A 359 6.52 -12.14 -12.19
C TYR A 359 6.24 -13.64 -12.31
N PRO A 360 6.63 -14.25 -13.45
CA PRO A 360 6.41 -15.68 -13.69
C PRO A 360 7.37 -16.59 -12.92
N PHE A 361 7.22 -16.63 -11.61
CA PHE A 361 8.10 -17.47 -10.78
C PHE A 361 7.91 -18.93 -11.17
N LYS A 362 9.03 -19.64 -11.35
CA LYS A 362 8.99 -21.04 -11.76
C LYS A 362 9.06 -22.04 -10.61
N ASP A 363 9.81 -21.71 -9.56
CA ASP A 363 9.93 -22.61 -8.42
C ASP A 363 10.13 -21.88 -7.10
N LEU A 364 10.06 -22.62 -6.02
CA LEU A 364 10.20 -22.07 -4.68
C LEU A 364 11.52 -21.35 -4.44
N ASN A 365 12.61 -21.92 -4.92
CA ASN A 365 13.92 -21.32 -4.75
C ASN A 365 13.99 -19.89 -5.25
N GLU A 366 13.22 -19.58 -6.28
CA GLU A 366 13.22 -18.25 -6.88
C GLU A 366 12.49 -17.21 -6.03
N LEU A 367 11.84 -17.67 -4.95
CA LEU A 367 11.10 -16.77 -4.08
C LEU A 367 11.94 -16.30 -2.89
N ASP A 368 11.42 -15.32 -2.16
CA ASP A 368 12.11 -14.78 -1.01
C ASP A 368 11.20 -14.56 0.19
N ASP A 369 9.95 -14.22 -0.08
CA ASP A 369 9.01 -13.93 0.98
C ASP A 369 8.66 -15.11 1.88
N ILE A 370 8.96 -14.94 3.17
CA ILE A 370 8.69 -15.96 4.18
C ILE A 370 7.23 -16.39 4.14
N GLU A 371 6.32 -15.45 3.89
CA GLU A 371 4.91 -15.78 3.83
C GLU A 371 4.61 -16.84 2.76
N SER A 372 5.19 -16.68 1.57
CA SER A 372 4.98 -17.63 0.48
C SER A 372 5.64 -18.98 0.76
N LEU A 373 6.86 -18.94 1.31
CA LEU A 373 7.58 -20.17 1.61
C LEU A 373 6.86 -20.98 2.69
N ASN A 374 6.29 -20.29 3.68
CA ASN A 374 5.57 -20.98 4.76
C ASN A 374 4.29 -21.59 4.22
N TYR A 375 3.60 -20.85 3.35
CA TYR A 375 2.37 -21.36 2.76
C TYR A 375 2.67 -22.60 1.94
N ALA A 376 3.72 -22.51 1.12
CA ALA A 376 4.12 -23.63 0.26
C ALA A 376 4.43 -24.87 1.08
N LYS A 377 5.26 -24.70 2.11
CA LYS A 377 5.64 -25.82 2.96
C LYS A 377 4.43 -26.55 3.55
N GLU A 378 3.45 -25.78 4.01
CA GLU A 378 2.24 -26.33 4.59
C GLU A 378 1.28 -26.92 3.56
N ALA A 379 1.15 -26.26 2.41
CA ALA A 379 0.25 -26.73 1.36
C ALA A 379 0.74 -28.02 0.72
N PHE A 380 2.05 -28.13 0.53
CA PHE A 380 2.64 -29.31 -0.09
C PHE A 380 2.25 -30.60 0.63
N THR A 381 2.12 -30.53 1.95
CA THR A 381 1.77 -31.72 2.74
C THR A 381 0.27 -31.82 2.98
N ASN A 382 -0.50 -30.94 2.37
CA ASN A 382 -1.93 -30.99 2.55
C ASN A 382 -2.75 -31.11 1.27
N GLY A 383 -2.23 -31.87 0.30
CA GLY A 383 -2.95 -32.09 -0.93
C GLY A 383 -2.71 -31.19 -2.13
N LYS A 384 -1.77 -30.25 -1.99
CA LYS A 384 -1.45 -29.33 -3.08
C LYS A 384 -0.13 -29.68 -3.74
N SER A 385 -0.14 -29.80 -5.06
CA SER A 385 1.08 -30.10 -5.81
C SER A 385 1.92 -28.82 -5.80
N MET A 386 3.19 -28.93 -6.16
CA MET A 386 4.07 -27.77 -6.19
C MET A 386 3.63 -26.78 -7.27
N GLU A 387 3.14 -27.31 -8.41
CA GLU A 387 2.68 -26.47 -9.50
C GLU A 387 1.47 -25.64 -9.08
N THR A 388 0.53 -26.28 -8.39
CA THR A 388 -0.67 -25.62 -7.91
C THR A 388 -0.25 -24.53 -6.93
N ILE A 389 0.75 -24.83 -6.12
CA ILE A 389 1.26 -23.89 -5.14
C ILE A 389 1.91 -22.72 -5.89
N MET A 390 2.74 -23.02 -6.88
CA MET A 390 3.39 -21.97 -7.66
C MET A 390 2.36 -21.15 -8.45
N ASP A 391 1.24 -21.76 -8.79
CA ASP A 391 0.20 -21.04 -9.53
C ASP A 391 -0.43 -19.99 -8.62
N SER A 392 -0.66 -20.37 -7.37
CA SER A 392 -1.25 -19.45 -6.40
C SER A 392 -0.27 -18.32 -6.11
N ILE A 393 1.00 -18.68 -5.94
CA ILE A 393 2.05 -17.71 -5.65
C ILE A 393 2.24 -16.73 -6.81
N ARG A 394 2.21 -17.21 -8.05
CA ARG A 394 2.37 -16.33 -9.19
C ARG A 394 1.26 -15.29 -9.24
N MET A 395 0.12 -15.61 -8.66
CA MET A 395 -1.01 -14.69 -8.63
C MET A 395 -1.08 -13.84 -7.36
N ILE A 396 -0.87 -14.45 -6.21
CA ILE A 396 -0.98 -13.74 -4.92
C ILE A 396 0.31 -13.50 -4.13
N GLY A 397 1.39 -14.21 -4.47
CA GLY A 397 2.63 -14.04 -3.76
C GLY A 397 3.10 -12.60 -3.64
N ARG A 398 3.58 -12.22 -2.47
CA ARG A 398 4.03 -10.85 -2.26
C ARG A 398 5.28 -10.49 -3.09
N ASP A 399 6.05 -11.50 -3.50
CA ASP A 399 7.24 -11.20 -4.30
C ASP A 399 6.90 -10.64 -5.67
N ASN A 400 5.65 -10.81 -6.10
CA ASN A 400 5.22 -10.28 -7.40
C ASN A 400 5.31 -8.76 -7.43
N ALA A 401 5.19 -8.14 -6.25
CA ALA A 401 5.24 -6.69 -6.16
C ALA A 401 6.64 -6.20 -5.80
N ARG A 402 7.56 -7.13 -5.61
CA ARG A 402 8.90 -6.78 -5.19
C ARG A 402 10.02 -6.96 -6.20
N THR A 403 9.70 -7.27 -7.45
CA THR A 403 10.76 -7.42 -8.44
C THR A 403 11.26 -6.00 -8.74
N PRO A 404 12.53 -5.87 -9.14
CA PRO A 404 13.13 -4.55 -9.44
C PRO A 404 12.36 -3.62 -10.37
N MET A 405 12.32 -2.34 -9.97
CA MET A 405 11.67 -1.29 -10.74
C MET A 405 12.33 -1.31 -12.12
N GLN A 406 11.53 -1.17 -13.17
CA GLN A 406 12.06 -1.21 -14.53
C GLN A 406 12.25 0.19 -15.11
N TRP A 407 13.50 0.65 -15.12
CA TRP A 407 13.86 1.98 -15.60
C TRP A 407 14.15 2.11 -17.09
N ASP A 408 14.78 1.10 -17.69
CA ASP A 408 15.07 1.13 -19.12
C ASP A 408 15.34 -0.26 -19.67
N ALA A 409 15.91 -0.33 -20.87
CA ALA A 409 16.18 -1.60 -21.52
C ALA A 409 17.62 -2.09 -21.36
N SER A 410 18.36 -1.48 -20.45
CA SER A 410 19.74 -1.91 -20.23
C SER A 410 19.75 -3.11 -19.29
N GLN A 411 20.93 -3.52 -18.86
CA GLN A 411 21.08 -4.65 -17.94
C GLN A 411 20.27 -4.43 -16.67
N ASN A 412 19.57 -5.47 -16.21
CA ASN A 412 18.76 -5.38 -15.00
C ASN A 412 17.75 -4.22 -15.09
N ALA A 413 17.38 -3.85 -16.31
CA ALA A 413 16.44 -2.76 -16.56
C ALA A 413 16.93 -1.43 -15.99
N GLY A 414 18.24 -1.29 -15.85
CA GLY A 414 18.81 -0.06 -15.31
C GLY A 414 18.70 0.06 -13.81
N PHE A 415 18.25 -1.02 -13.17
CA PHE A 415 18.10 -1.05 -11.71
C PHE A 415 19.43 -1.30 -10.98
N SER A 416 20.32 -2.07 -11.61
CA SER A 416 21.61 -2.40 -11.01
C SER A 416 22.64 -2.88 -12.04
N THR A 417 23.91 -2.87 -11.65
CA THR A 417 24.99 -3.32 -12.51
C THR A 417 25.47 -4.71 -12.10
N ALA A 418 24.86 -5.27 -11.07
CA ALA A 418 25.24 -6.59 -10.56
C ALA A 418 24.89 -7.74 -11.50
N ASP A 419 25.61 -8.85 -11.35
CA ASP A 419 25.36 -10.04 -12.17
C ASP A 419 23.91 -10.45 -12.03
N LYS A 420 23.40 -10.41 -10.80
CA LYS A 420 22.02 -10.77 -10.52
C LYS A 420 21.42 -9.77 -9.53
N THR A 421 20.10 -9.65 -9.55
CA THR A 421 19.39 -8.74 -8.64
C THR A 421 18.80 -9.61 -7.53
N TRP A 422 18.48 -9.03 -6.36
CA TRP A 422 17.97 -9.84 -5.26
C TRP A 422 16.73 -10.64 -5.61
N LEU A 423 15.86 -10.04 -6.43
CA LEU A 423 14.69 -10.73 -6.95
C LEU A 423 14.89 -10.50 -8.44
N PRO A 424 14.49 -11.46 -9.29
CA PRO A 424 14.66 -11.30 -10.73
C PRO A 424 13.85 -10.20 -11.40
N VAL A 425 14.46 -9.57 -12.41
CA VAL A 425 13.81 -8.51 -13.17
C VAL A 425 12.89 -9.22 -14.17
N ASN A 426 11.68 -8.71 -14.34
CA ASN A 426 10.73 -9.31 -15.26
C ASN A 426 11.21 -9.17 -16.71
N PRO A 427 11.15 -10.26 -17.50
CA PRO A 427 11.59 -10.23 -18.90
C PRO A 427 10.85 -9.19 -19.75
N ASN A 428 9.67 -8.77 -19.30
CA ASN A 428 8.90 -7.79 -20.06
C ASN A 428 9.48 -6.38 -19.94
N TYR A 429 10.58 -6.25 -19.21
CA TYR A 429 11.22 -4.96 -19.00
C TYR A 429 11.69 -4.33 -20.32
N LYS A 430 11.90 -5.18 -21.32
CA LYS A 430 12.34 -4.72 -22.63
C LYS A 430 11.25 -3.84 -23.23
N ASP A 431 10.01 -4.13 -22.89
CA ASP A 431 8.85 -3.38 -23.36
C ASP A 431 8.33 -2.41 -22.31
N ILE A 432 8.32 -2.85 -21.05
CA ILE A 432 7.82 -2.05 -19.95
C ILE A 432 8.93 -1.43 -19.12
N ASN A 433 9.15 -0.13 -19.31
CA ASN A 433 10.18 0.57 -18.56
C ASN A 433 9.97 2.09 -18.58
N VAL A 434 10.46 2.76 -17.53
CA VAL A 434 10.32 4.20 -17.39
C VAL A 434 10.78 5.03 -18.59
N GLN A 435 11.90 4.66 -19.19
CA GLN A 435 12.39 5.41 -20.34
C GLN A 435 11.41 5.38 -21.50
N ALA A 436 10.90 4.19 -21.81
CA ALA A 436 9.95 4.05 -22.91
C ALA A 436 8.65 4.78 -22.56
N ALA A 437 8.24 4.69 -21.30
CA ALA A 437 7.01 5.35 -20.87
C ALA A 437 7.12 6.87 -20.96
N LEU A 438 8.29 7.41 -20.63
CA LEU A 438 8.50 8.86 -20.69
C LEU A 438 8.57 9.33 -22.14
N LYS A 439 9.02 8.44 -23.02
CA LYS A 439 9.15 8.75 -24.44
C LYS A 439 7.81 8.80 -25.17
N ASN A 440 6.90 7.90 -24.79
CA ASN A 440 5.58 7.85 -25.40
C ASN A 440 4.63 8.82 -24.70
N SER A 441 4.31 9.91 -25.40
CA SER A 441 3.42 10.95 -24.89
C SER A 441 2.08 10.45 -24.35
N ASN A 442 1.61 9.33 -24.86
CA ASN A 442 0.33 8.78 -24.42
C ASN A 442 0.49 7.48 -23.62
N SER A 443 1.61 7.36 -22.90
CA SER A 443 1.85 6.17 -22.08
C SER A 443 1.06 6.26 -20.77
N ILE A 444 1.06 5.16 -20.03
CA ILE A 444 0.37 5.07 -18.75
C ILE A 444 0.88 6.16 -17.81
N PHE A 445 2.18 6.43 -17.86
CA PHE A 445 2.80 7.43 -17.01
C PHE A 445 2.11 8.79 -17.06
N TYR A 446 1.86 9.28 -18.27
CA TYR A 446 1.23 10.58 -18.42
C TYR A 446 -0.22 10.60 -17.95
N THR A 447 -0.89 9.45 -18.01
CA THR A 447 -2.26 9.39 -17.53
C THR A 447 -2.21 9.66 -16.02
N TYR A 448 -1.28 9.00 -15.33
CA TYR A 448 -1.15 9.20 -13.90
C TYR A 448 -0.73 10.64 -13.61
N GLN A 449 0.16 11.17 -14.45
CA GLN A 449 0.64 12.54 -14.28
C GLN A 449 -0.53 13.52 -14.38
N GLN A 450 -1.38 13.31 -15.37
CA GLN A 450 -2.53 14.17 -15.58
C GLN A 450 -3.52 14.08 -14.43
N LEU A 451 -3.77 12.86 -13.94
CA LEU A 451 -4.68 12.69 -12.82
C LEU A 451 -4.13 13.43 -11.61
N ILE A 452 -2.82 13.33 -11.42
CA ILE A 452 -2.16 13.99 -10.30
C ILE A 452 -2.26 15.51 -10.37
N GLN A 453 -2.12 16.06 -11.57
CA GLN A 453 -2.20 17.51 -11.75
C GLN A 453 -3.62 18.01 -11.52
N LEU A 454 -4.61 17.26 -12.03
CA LEU A 454 -6.01 17.62 -11.84
C LEU A 454 -6.31 17.77 -10.36
N ARG A 455 -5.87 16.78 -9.58
CA ARG A 455 -6.09 16.80 -8.14
C ARG A 455 -5.38 17.97 -7.47
N LYS A 456 -4.22 18.34 -7.98
CA LYS A 456 -3.47 19.46 -7.39
C LYS A 456 -4.05 20.83 -7.73
N GLU A 457 -4.70 20.93 -8.88
CA GLU A 457 -5.26 22.22 -9.32
C GLU A 457 -6.79 22.37 -9.25
N ASN A 458 -7.50 21.34 -8.83
CA ASN A 458 -8.95 21.42 -8.78
C ASN A 458 -9.59 21.00 -7.45
N ASP A 459 -10.28 21.95 -6.83
CA ASP A 459 -10.96 21.75 -5.55
C ASP A 459 -12.10 20.73 -5.63
N TRP A 460 -12.70 20.56 -6.81
CA TRP A 460 -13.80 19.63 -6.92
C TRP A 460 -13.44 18.18 -6.60
N LEU A 461 -12.20 17.77 -6.91
CA LEU A 461 -11.80 16.41 -6.62
C LEU A 461 -11.88 16.17 -5.11
N VAL A 462 -11.76 17.25 -4.34
CA VAL A 462 -11.85 17.18 -2.88
C VAL A 462 -13.26 17.46 -2.37
N ASP A 463 -13.88 18.54 -2.85
CA ASP A 463 -15.22 18.94 -2.40
C ASP A 463 -16.44 18.25 -3.00
N ALA A 464 -16.32 17.71 -4.21
CA ALA A 464 -17.47 17.09 -4.86
C ALA A 464 -17.95 15.78 -4.25
N ASP A 465 -19.26 15.56 -4.29
CA ASP A 465 -19.85 14.35 -3.76
C ASP A 465 -19.63 13.22 -4.77
N PHE A 466 -20.10 12.04 -4.43
CA PHE A 466 -19.95 10.89 -5.31
C PHE A 466 -21.29 10.21 -5.49
N GLU A 467 -21.64 9.93 -6.73
CA GLU A 467 -22.90 9.27 -7.03
C GLU A 467 -22.71 8.16 -8.06
N LEU A 468 -22.98 6.92 -7.65
CA LEU A 468 -22.84 5.77 -8.55
C LEU A 468 -24.03 5.75 -9.51
N LEU A 469 -23.74 5.57 -10.79
CA LEU A 469 -24.79 5.53 -11.79
C LEU A 469 -25.19 4.10 -12.13
N PRO A 470 -26.46 3.88 -12.50
CA PRO A 470 -26.97 2.55 -12.86
C PRO A 470 -26.48 2.22 -14.26
N THR A 471 -25.64 1.20 -14.38
CA THR A 471 -25.09 0.82 -15.69
C THR A 471 -24.92 -0.69 -15.80
N ALA A 472 -24.39 -1.14 -16.94
CA ALA A 472 -24.15 -2.56 -17.15
C ALA A 472 -23.19 -3.03 -16.05
N ASP A 473 -23.24 -4.33 -15.76
CA ASP A 473 -22.40 -4.92 -14.72
C ASP A 473 -20.93 -4.52 -14.73
N LYS A 474 -20.28 -4.65 -15.88
CA LYS A 474 -18.86 -4.32 -15.98
C LYS A 474 -18.51 -2.88 -16.27
N VAL A 475 -19.52 -2.02 -16.38
CA VAL A 475 -19.26 -0.60 -16.61
C VAL A 475 -19.32 0.09 -15.26
N PHE A 476 -18.26 0.81 -14.92
CA PHE A 476 -18.19 1.53 -13.65
C PHE A 476 -18.29 3.01 -13.95
N ALA A 477 -19.45 3.60 -13.66
CA ALA A 477 -19.66 5.02 -13.93
C ALA A 477 -20.24 5.77 -12.75
N TYR A 478 -19.76 6.98 -12.54
CA TYR A 478 -20.24 7.81 -11.44
C TYR A 478 -20.02 9.28 -11.73
N LEU A 479 -20.68 10.12 -10.97
CA LEU A 479 -20.49 11.54 -11.15
C LEU A 479 -20.04 12.18 -9.86
N ARG A 480 -19.24 13.24 -10.00
CA ARG A 480 -18.74 14.00 -8.87
C ARG A 480 -19.46 15.32 -9.03
N LYS A 481 -20.19 15.75 -8.00
CA LYS A 481 -20.95 16.99 -8.08
C LYS A 481 -20.64 17.96 -6.95
N VAL A 482 -20.48 19.23 -7.32
CA VAL A 482 -20.23 20.29 -6.37
C VAL A 482 -20.90 21.52 -6.94
N ARG A 483 -21.85 22.08 -6.20
CA ARG A 483 -22.60 23.24 -6.66
C ARG A 483 -23.30 22.90 -7.98
N GLU A 484 -22.86 23.50 -9.08
CA GLU A 484 -23.48 23.20 -10.36
C GLU A 484 -22.55 22.49 -11.35
N GLU A 485 -21.32 22.20 -10.91
CA GLU A 485 -20.37 21.50 -11.76
C GLU A 485 -20.65 20.00 -11.68
N ARG A 486 -20.71 19.35 -12.83
CA ARG A 486 -20.95 17.91 -12.85
C ARG A 486 -19.90 17.20 -13.69
N TYR A 487 -19.25 16.22 -13.08
CA TYR A 487 -18.21 15.45 -13.75
C TYR A 487 -18.62 14.00 -13.86
N LEU A 488 -18.63 13.50 -15.08
CA LEU A 488 -18.99 12.12 -15.35
C LEU A 488 -17.76 11.26 -15.60
N ILE A 489 -17.62 10.19 -14.82
CA ILE A 489 -16.52 9.26 -15.00
C ILE A 489 -17.12 7.95 -15.49
N VAL A 490 -16.66 7.48 -16.65
CA VAL A 490 -17.16 6.24 -17.22
C VAL A 490 -15.97 5.32 -17.52
N VAL A 491 -15.97 4.14 -16.92
CA VAL A 491 -14.88 3.19 -17.12
C VAL A 491 -15.41 1.80 -17.44
N ASN A 492 -15.04 1.28 -18.61
CA ASN A 492 -15.47 -0.04 -19.02
C ASN A 492 -14.46 -1.06 -18.51
N VAL A 493 -14.72 -1.59 -17.32
CA VAL A 493 -13.85 -2.56 -16.68
C VAL A 493 -14.01 -3.98 -17.25
N SER A 494 -13.60 -4.17 -18.51
CA SER A 494 -13.72 -5.49 -19.14
C SER A 494 -13.06 -5.56 -20.51
N ASP A 495 -12.77 -6.79 -20.95
CA ASP A 495 -12.14 -7.02 -22.24
C ASP A 495 -13.14 -7.03 -23.39
N GLN A 496 -14.41 -6.77 -23.09
CA GLN A 496 -15.43 -6.76 -24.12
C GLN A 496 -16.13 -5.41 -24.27
N GLU A 497 -16.79 -5.25 -25.41
CA GLU A 497 -17.54 -4.04 -25.69
C GLU A 497 -18.75 -4.06 -24.78
N GLU A 498 -19.12 -2.90 -24.22
CA GLU A 498 -20.26 -2.84 -23.33
C GLU A 498 -21.17 -1.69 -23.73
N VAL A 499 -22.45 -1.78 -23.35
CA VAL A 499 -23.42 -0.75 -23.69
C VAL A 499 -23.36 0.43 -22.73
N LEU A 500 -23.60 1.62 -23.26
CA LEU A 500 -23.62 2.84 -22.46
C LEU A 500 -24.93 3.56 -22.80
N GLU A 501 -26.01 3.14 -22.15
CA GLU A 501 -27.33 3.71 -22.38
C GLU A 501 -27.56 5.01 -21.63
N ILE A 502 -26.84 6.06 -22.02
CA ILE A 502 -27.00 7.35 -21.36
C ILE A 502 -26.91 8.49 -22.37
N ASP A 503 -27.49 9.62 -22.02
CA ASP A 503 -27.47 10.78 -22.90
C ASP A 503 -27.09 12.01 -22.09
N VAL A 504 -26.00 12.65 -22.48
CA VAL A 504 -25.55 13.83 -21.78
C VAL A 504 -25.06 14.91 -22.72
N ASP A 505 -24.86 16.10 -22.17
CA ASP A 505 -24.38 17.22 -22.93
C ASP A 505 -22.94 17.43 -22.47
N LYS A 506 -21.99 16.95 -23.27
CA LYS A 506 -20.59 17.07 -22.94
C LYS A 506 -20.08 18.49 -23.11
N GLN A 507 -19.48 19.03 -22.04
CA GLN A 507 -18.96 20.39 -22.07
C GLN A 507 -17.46 20.34 -22.36
N GLU A 508 -16.76 19.45 -21.68
CA GLU A 508 -15.33 19.30 -21.89
C GLU A 508 -14.79 17.97 -21.40
N THR A 509 -13.67 17.56 -21.99
CA THR A 509 -13.03 16.30 -21.63
C THR A 509 -11.83 16.61 -20.73
N LEU A 510 -11.84 16.06 -19.52
CA LEU A 510 -10.72 16.28 -18.61
C LEU A 510 -9.61 15.25 -18.89
N ILE A 511 -10.02 14.03 -19.22
CA ILE A 511 -9.05 12.99 -19.54
C ILE A 511 -9.77 11.81 -20.19
N SER A 512 -9.11 11.16 -21.14
CA SER A 512 -9.68 10.02 -21.84
C SER A 512 -8.61 9.14 -22.50
N ASN A 513 -8.83 7.83 -22.49
CA ASN A 513 -7.89 6.91 -23.11
C ASN A 513 -8.51 6.36 -24.39
N THR A 514 -9.51 7.07 -24.89
CA THR A 514 -10.21 6.62 -26.08
C THR A 514 -10.99 7.77 -26.70
N ASN A 515 -11.84 7.46 -27.66
CA ASN A 515 -12.66 8.48 -28.30
C ASN A 515 -13.96 8.57 -27.50
N GLU A 516 -13.94 9.38 -26.46
CA GLU A 516 -15.11 9.56 -25.60
C GLU A 516 -16.33 10.00 -26.41
N SER A 517 -16.12 10.85 -27.41
CA SER A 517 -17.21 11.35 -28.24
C SER A 517 -17.91 10.22 -29.00
N ALA A 518 -17.14 9.29 -29.52
CA ALA A 518 -17.70 8.16 -30.26
C ALA A 518 -18.48 7.24 -29.33
N ALA A 519 -17.93 7.00 -28.15
CA ALA A 519 -18.60 6.14 -27.18
C ALA A 519 -19.96 6.72 -26.83
N LEU A 520 -19.99 8.02 -26.55
CA LEU A 520 -21.21 8.72 -26.21
C LEU A 520 -22.21 8.66 -27.36
N ALA A 521 -21.74 9.01 -28.56
CA ALA A 521 -22.58 9.02 -29.75
C ALA A 521 -23.10 7.65 -30.16
N ASN A 522 -22.30 6.61 -29.95
CA ASN A 522 -22.69 5.26 -30.34
C ASN A 522 -23.31 4.44 -29.21
N HIS A 523 -23.35 5.00 -28.00
CA HIS A 523 -23.93 4.31 -26.85
C HIS A 523 -23.27 2.96 -26.61
N LYS A 524 -21.99 2.85 -26.97
CA LYS A 524 -21.25 1.62 -26.79
C LYS A 524 -19.85 1.99 -26.29
N LEU A 525 -19.26 1.10 -25.50
CA LEU A 525 -17.92 1.33 -24.97
C LEU A 525 -17.00 0.23 -25.46
N GLN A 526 -15.88 0.62 -26.04
CA GLN A 526 -14.90 -0.36 -26.50
C GLN A 526 -14.25 -0.88 -25.23
N PRO A 527 -13.64 -2.08 -25.30
CA PRO A 527 -13.00 -2.61 -24.10
C PRO A 527 -12.05 -1.64 -23.42
N TRP A 528 -12.20 -1.51 -22.10
CA TRP A 528 -11.38 -0.64 -21.28
C TRP A 528 -11.47 0.86 -21.55
N ASP A 529 -12.50 1.28 -22.29
CA ASP A 529 -12.68 2.70 -22.55
C ASP A 529 -12.79 3.36 -21.17
N ALA A 530 -12.20 4.53 -21.01
CA ALA A 530 -12.25 5.23 -19.75
C ALA A 530 -12.10 6.72 -19.98
N PHE A 531 -12.97 7.52 -19.36
CA PHE A 531 -12.89 8.97 -19.53
C PHE A 531 -13.65 9.75 -18.46
N CYS A 532 -13.30 11.02 -18.34
CA CYS A 532 -13.96 11.92 -17.42
C CYS A 532 -14.31 13.16 -18.20
N ILE A 533 -15.59 13.46 -18.28
CA ILE A 533 -16.04 14.63 -19.00
C ILE A 533 -16.93 15.48 -18.11
N LYS A 534 -16.80 16.79 -18.24
CA LYS A 534 -17.62 17.71 -17.47
C LYS A 534 -18.88 17.85 -18.32
N ILE A 535 -20.05 17.61 -17.71
CA ILE A 535 -21.31 17.69 -18.43
C ILE A 535 -22.27 18.75 -17.88
N LEU A 536 -23.26 19.11 -18.69
CA LEU A 536 -24.25 20.10 -18.31
C LEU A 536 -25.21 19.55 -17.26
#